data_3BIE
#
_entry.id   3BIE
#
_cell.length_a   41.413
_cell.length_b   75.822
_cell.length_c   52.228
_cell.angle_alpha   90.00
_cell.angle_beta   108.53
_cell.angle_gamma   90.00
#
_symmetry.space_group_name_H-M   'P 1 21 1'
#
loop_
_entity.id
_entity.type
_entity.pdbx_description
1 polymer 'Alpha-ketoglutarate-dependent dioxygenase alkB'
2 polymer "DNA (5'-D(P*DAP*DGP*DGP*DTP*DAP*DAP*(MA7)P*DAP*DCP*DCP*DGP*DT)-3')"
3 polymer "DNA (5'-D(*DAP*DAP*DCP*DGP*DGP*DTP*DTP*DTP*DTP*DAP*DCP*DCP*DT)-3')"
4 non-polymer 'MANGANESE (II) ION'
5 non-polymer '2-OXOGLUTARIC ACID'
6 water water
#
loop_
_entity_poly.entity_id
_entity_poly.type
_entity_poly.pdbx_seq_one_letter_code
_entity_poly.pdbx_strand_id
1 'polypeptide(L)'
;EPLAAGAVILRRFAFNAAEQLIRDINDVASQSPFRQMVTPGGYTMSVAMTNCGHLGWTTHRQGYLYSPIDPQTNKPWPAM
PQSFHNLCQRAATAAGYPDFQPDACLINRYAPGAKLCLHQDKDEPDLRAPIVSVSLGLPAIFQFGGLKRNDPLKRLLLEH
GDVVVWGGESRLFYHGIQPLKAGFHPLTIDCRYNLTFRQAGK
;
A
2 'polydeoxyribonucleotide' (DA)(DG)(DG)(DT)(DA)(DA)(MA7)(DA)(2YR)(DC)(DG)(DT) B
3 'polydeoxyribonucleotide' (DA)(DA)(DC)(DG)(DG)(DT)(DT)(DT)(DT)(DA)(DC)(DC)(DT) C
#
loop_
_chem_comp.id
_chem_comp.type
_chem_comp.name
_chem_comp.formula
2YR non-polymer '2'-deoxy-N-(2-sulfanylethyl)cytidine 5'-(dihydrogen phosphate)' 'C11 H18 N3 O7 P S'
AKG non-polymer '2-OXOGLUTARIC ACID' 'C5 H6 O5'
DA DNA linking 2'-DEOXYADENOSINE-5'-MONOPHOSPHATE 'C10 H14 N5 O6 P'
DC DNA linking 2'-DEOXYCYTIDINE-5'-MONOPHOSPHATE 'C9 H14 N3 O7 P'
DG DNA linking 2'-DEOXYGUANOSINE-5'-MONOPHOSPHATE 'C10 H14 N5 O7 P'
DT DNA linking THYMIDINE-5'-MONOPHOSPHATE 'C10 H15 N2 O8 P'
MA7 DNA linking 1N-METHYLADENOSINE-5'-MONOPHOSPHATE 'C11 H17 N5 O6 P 1'
MN non-polymer 'MANGANESE (II) ION' 'Mn 2'
#
# COMPACT_ATOMS: atom_id res chain seq x y z
N GLU A 1 1.29 18.58 14.90
CA GLU A 1 0.49 17.42 15.41
C GLU A 1 0.78 16.15 14.59
N PRO A 2 1.22 15.08 15.27
CA PRO A 2 1.43 13.78 14.61
C PRO A 2 0.11 13.12 14.21
N LEU A 3 0.18 12.17 13.27
CA LEU A 3 -1.02 11.53 12.70
C LEU A 3 -1.87 10.81 13.75
N ALA A 4 -1.23 9.91 14.49
CA ALA A 4 -1.88 9.15 15.57
C ALA A 4 -0.79 8.53 16.45
N ALA A 5 -1.20 7.89 17.54
CA ALA A 5 -0.27 7.15 18.39
C ALA A 5 0.35 5.99 17.59
N GLY A 6 1.65 6.07 17.37
CA GLY A 6 2.37 5.09 16.57
C GLY A 6 2.27 5.32 15.06
N ALA A 7 1.70 6.45 14.67
CA ALA A 7 1.52 6.78 13.26
C ALA A 7 2.15 8.11 12.88
N VAL A 8 2.73 8.17 11.69
CA VAL A 8 3.40 9.38 11.21
C VAL A 8 3.34 9.49 9.68
N ILE A 9 3.26 10.71 9.19
CA ILE A 9 3.43 10.99 7.76
C ILE A 9 4.80 11.65 7.53
N LEU A 10 5.56 11.05 6.61
CA LEU A 10 6.87 11.56 6.23
C LEU A 10 6.71 12.15 4.83
N ARG A 11 6.49 13.45 4.78
CA ARG A 11 6.18 14.11 3.52
C ARG A 11 7.37 14.17 2.58
N ARG A 12 7.14 13.73 1.34
CA ARG A 12 8.15 13.68 0.28
C ARG A 12 9.36 12.79 0.61
N PHE A 13 9.20 11.88 1.58
CA PHE A 13 10.30 11.00 1.99
C PHE A 13 10.88 10.21 0.81
N ALA A 14 10.00 9.73 -0.06
CA ALA A 14 10.40 8.88 -1.18
C ALA A 14 10.54 9.64 -2.51
N PHE A 15 10.56 10.97 -2.45
CA PHE A 15 10.65 11.80 -3.65
C PHE A 15 11.90 11.51 -4.48
N ASN A 16 13.05 11.44 -3.82
CA ASN A 16 14.32 11.18 -4.50
C ASN A 16 14.41 9.77 -5.08
N ALA A 17 13.78 8.81 -4.41
CA ALA A 17 13.79 7.41 -4.82
C ALA A 17 12.72 7.07 -5.87
N ALA A 18 11.83 8.03 -6.12
CA ALA A 18 10.60 7.78 -6.90
C ALA A 18 10.78 7.21 -8.31
N GLU A 19 11.73 7.77 -9.07
CA GLU A 19 11.94 7.33 -10.46
C GLU A 19 12.37 5.87 -10.54
N GLN A 20 13.26 5.46 -9.63
CA GLN A 20 13.70 4.07 -9.56
C GLN A 20 12.58 3.14 -9.08
N LEU A 21 11.77 3.62 -8.12
CA LEU A 21 10.63 2.85 -7.63
C LEU A 21 9.64 2.56 -8.74
N ILE A 22 9.40 3.55 -9.61
CA ILE A 22 8.48 3.40 -10.74
C ILE A 22 9.01 2.46 -11.82
N ARG A 23 10.32 2.52 -12.09
CA ARG A 23 10.94 1.54 -12.98
C ARG A 23 10.73 0.12 -12.44
N ASP A 24 10.90 -0.04 -11.13
CA ASP A 24 10.75 -1.35 -10.51
C ASP A 24 9.30 -1.83 -10.40
N ILE A 25 8.35 -0.90 -10.29
CA ILE A 25 6.93 -1.23 -10.39
C ILE A 25 6.65 -1.86 -11.77
N ASN A 26 7.14 -1.20 -12.82
CA ASN A 26 6.98 -1.69 -14.19
C ASN A 26 7.59 -3.08 -14.39
N ASP A 27 8.75 -3.31 -13.77
CA ASP A 27 9.42 -4.61 -13.83
C ASP A 27 8.60 -5.70 -13.13
N VAL A 28 8.09 -5.39 -11.94
CA VAL A 28 7.22 -6.31 -11.20
C VAL A 28 5.96 -6.63 -12.01
N ALA A 29 5.31 -5.58 -12.53
CA ALA A 29 4.07 -5.72 -13.31
C ALA A 29 4.26 -6.49 -14.63
N SER A 30 5.48 -6.52 -15.15
CA SER A 30 5.77 -7.27 -16.37
C SER A 30 5.71 -8.78 -16.14
N GLN A 31 5.85 -9.18 -14.88
CA GLN A 31 5.87 -10.59 -14.49
C GLN A 31 4.53 -10.99 -13.87
N SER A 32 4.08 -10.21 -12.90
CA SER A 32 2.75 -10.34 -12.32
C SER A 32 1.95 -9.07 -12.64
N PRO A 33 1.15 -9.10 -13.72
CA PRO A 33 0.41 -7.93 -14.18
C PRO A 33 -0.57 -7.36 -13.17
N PHE A 34 -0.81 -6.06 -13.26
CA PHE A 34 -1.90 -5.44 -12.50
C PHE A 34 -3.21 -6.11 -12.87
N ARG A 35 -4.04 -6.37 -11.87
CA ARG A 35 -5.38 -6.90 -12.10
C ARG A 35 -6.34 -6.31 -11.07
N GLN A 36 -7.58 -6.10 -11.50
CA GLN A 36 -8.62 -5.64 -10.59
C GLN A 36 -9.27 -6.88 -9.99
N MET A 37 -9.06 -7.07 -8.70
CA MET A 37 -9.53 -8.27 -8.02
C MET A 37 -11.03 -8.22 -7.72
N VAL A 38 -11.63 -9.39 -7.59
CA VAL A 38 -13.06 -9.52 -7.33
C VAL A 38 -13.28 -9.88 -5.87
N THR A 39 -14.12 -9.10 -5.20
CA THR A 39 -14.45 -9.35 -3.79
C THR A 39 -15.24 -10.67 -3.65
N PRO A 40 -15.22 -11.26 -2.44
CA PRO A 40 -16.10 -12.39 -2.11
C PRO A 40 -17.58 -12.16 -2.50
N GLY A 41 -18.05 -10.92 -2.32
CA GLY A 41 -19.42 -10.56 -2.69
C GLY A 41 -19.65 -10.44 -4.20
N GLY A 42 -18.57 -10.43 -4.97
CA GLY A 42 -18.65 -10.48 -6.43
C GLY A 42 -18.47 -9.17 -7.17
N TYR A 43 -17.94 -8.16 -6.47
CA TYR A 43 -17.69 -6.85 -7.10
C TYR A 43 -16.23 -6.68 -7.46
N THR A 44 -15.98 -6.06 -8.61
CA THR A 44 -14.61 -5.82 -9.06
C THR A 44 -14.09 -4.51 -8.46
N MET A 45 -12.98 -4.61 -7.76
CA MET A 45 -12.35 -3.44 -7.13
C MET A 45 -11.90 -2.45 -8.21
N SER A 46 -12.00 -1.16 -7.91
CA SER A 46 -11.60 -0.11 -8.85
C SER A 46 -10.08 0.05 -8.92
N VAL A 47 -9.41 -0.26 -7.81
CA VAL A 47 -7.95 -0.25 -7.75
C VAL A 47 -7.43 -1.51 -8.43
N ALA A 48 -6.44 -1.34 -9.32
CA ALA A 48 -5.73 -2.47 -9.91
C ALA A 48 -4.53 -2.81 -9.02
N MET A 49 -4.29 -4.09 -8.81
CA MET A 49 -3.27 -4.52 -7.85
C MET A 49 -2.32 -5.57 -8.40
N THR A 50 -1.11 -5.59 -7.84
CA THR A 50 -0.20 -6.72 -7.96
C THR A 50 0.65 -6.77 -6.69
N ASN A 51 1.55 -7.74 -6.59
CA ASN A 51 2.38 -7.91 -5.39
C ASN A 51 3.80 -8.31 -5.74
N CYS A 52 4.70 -8.02 -4.81
CA CYS A 52 6.05 -8.57 -4.87
C CYS A 52 6.50 -8.97 -3.46
N GLY A 53 7.61 -9.68 -3.39
CA GLY A 53 8.06 -10.24 -2.13
C GLY A 53 7.51 -11.64 -1.95
N HIS A 54 7.71 -12.20 -0.76
CA HIS A 54 7.33 -13.59 -0.49
C HIS A 54 5.81 -13.82 -0.47
N LEU A 55 5.06 -12.85 0.03
CA LEU A 55 3.60 -12.99 0.14
C LEU A 55 2.84 -11.84 -0.54
N GLY A 56 1.74 -12.20 -1.20
CA GLY A 56 0.91 -11.22 -1.88
C GLY A 56 -0.53 -11.26 -1.43
N TRP A 57 -1.09 -10.08 -1.17
CA TRP A 57 -2.50 -9.96 -0.78
C TRP A 57 -3.40 -10.21 -1.99
N THR A 58 -4.39 -11.08 -1.81
CA THR A 58 -5.36 -11.41 -2.86
C THR A 58 -6.75 -11.57 -2.29
N THR A 59 -7.74 -11.41 -3.15
CA THR A 59 -9.11 -11.81 -2.83
C THR A 59 -9.35 -13.21 -3.35
N HIS A 60 -10.29 -13.89 -2.72
CA HIS A 60 -10.67 -15.24 -3.08
C HIS A 60 -12.19 -15.29 -2.90
N ARG A 61 -12.82 -16.37 -3.34
CA ARG A 61 -14.25 -16.57 -3.09
C ARG A 61 -14.54 -16.61 -1.58
N GLN A 62 -13.62 -17.21 -0.84
CA GLN A 62 -13.79 -17.46 0.59
C GLN A 62 -13.37 -16.29 1.48
N GLY A 63 -12.75 -15.27 0.88
CA GLY A 63 -12.28 -14.11 1.63
C GLY A 63 -11.00 -13.49 1.10
N TYR A 64 -10.23 -12.88 2.00
CA TYR A 64 -8.90 -12.34 1.67
C TYR A 64 -7.81 -13.28 2.16
N LEU A 65 -6.67 -13.25 1.50
CA LEU A 65 -5.58 -14.19 1.76
C LEU A 65 -4.23 -13.64 1.34
N TYR A 66 -3.20 -13.93 2.11
CA TYR A 66 -1.82 -13.73 1.66
C TYR A 66 -1.30 -15.06 1.10
N SER A 67 -0.82 -15.02 -0.14
CA SER A 67 -0.37 -16.22 -0.83
C SER A 67 1.03 -16.03 -1.40
N PRO A 68 1.86 -17.11 -1.35
CA PRO A 68 3.17 -17.07 -2.00
C PRO A 68 3.10 -17.17 -3.53
N ILE A 69 1.92 -17.55 -4.04
CA ILE A 69 1.71 -17.75 -5.47
C ILE A 69 0.67 -16.76 -6.01
N ASP A 70 1.00 -16.16 -7.15
CA ASP A 70 0.07 -15.33 -7.91
C ASP A 70 -0.98 -16.24 -8.55
N PRO A 71 -2.27 -16.10 -8.15
CA PRO A 71 -3.31 -17.00 -8.66
C PRO A 71 -3.59 -16.82 -10.15
N GLN A 72 -3.15 -15.71 -10.72
CA GLN A 72 -3.33 -15.44 -12.14
C GLN A 72 -2.27 -16.11 -13.00
N THR A 73 -1.01 -16.04 -12.58
CA THR A 73 0.11 -16.61 -13.33
C THR A 73 0.46 -18.02 -12.88
N ASN A 74 0.04 -18.36 -11.66
CA ASN A 74 0.39 -19.64 -11.00
C ASN A 74 1.89 -19.79 -10.71
N LYS A 75 2.57 -18.64 -10.69
CA LYS A 75 3.99 -18.56 -10.36
C LYS A 75 4.15 -17.71 -9.11
N PRO A 76 5.28 -17.85 -8.40
CA PRO A 76 5.54 -16.95 -7.27
C PRO A 76 5.43 -15.49 -7.69
N TRP A 77 5.08 -14.62 -6.74
CA TRP A 77 5.15 -13.19 -6.97
C TRP A 77 6.61 -12.83 -7.25
N PRO A 78 6.85 -11.77 -8.05
CA PRO A 78 8.24 -11.34 -8.26
C PRO A 78 8.92 -10.99 -6.94
N ALA A 79 10.22 -11.23 -6.86
CA ALA A 79 10.99 -10.87 -5.67
C ALA A 79 10.84 -9.38 -5.39
N MET A 80 10.85 -8.99 -4.12
CA MET A 80 10.78 -7.58 -3.75
C MET A 80 12.04 -6.86 -4.26
N PRO A 81 11.87 -5.83 -5.11
CA PRO A 81 13.03 -5.07 -5.59
C PRO A 81 13.82 -4.49 -4.43
N GLN A 82 15.15 -4.43 -4.58
CA GLN A 82 16.01 -3.86 -3.56
C GLN A 82 15.66 -2.39 -3.29
N SER A 83 15.24 -1.66 -4.33
CA SER A 83 14.85 -0.26 -4.18
C SER A 83 13.65 -0.11 -3.23
N PHE A 84 12.70 -1.04 -3.34
CA PHE A 84 11.52 -1.09 -2.48
C PHE A 84 11.95 -1.35 -1.05
N HIS A 85 12.75 -2.40 -0.86
CA HIS A 85 13.15 -2.85 0.48
C HIS A 85 13.98 -1.79 1.19
N ASN A 86 14.89 -1.15 0.45
CA ASN A 86 15.74 -0.11 1.02
C ASN A 86 14.95 1.12 1.44
N LEU A 87 14.04 1.56 0.57
CA LEU A 87 13.19 2.72 0.88
C LEU A 87 12.32 2.44 2.10
N CYS A 88 11.68 1.27 2.11
CA CYS A 88 10.83 0.83 3.23
C CYS A 88 11.59 0.86 4.55
N GLN A 89 12.79 0.27 4.55
CA GLN A 89 13.66 0.23 5.73
C GLN A 89 14.00 1.63 6.25
N ARG A 90 14.36 2.52 5.33
CA ARG A 90 14.70 3.90 5.70
C ARG A 90 13.49 4.64 6.27
N ALA A 91 12.33 4.45 5.66
CA ALA A 91 11.09 5.09 6.11
C ALA A 91 10.65 4.58 7.47
N ALA A 92 10.66 3.26 7.64
CA ALA A 92 10.31 2.62 8.92
C ALA A 92 11.20 3.11 10.06
N THR A 93 12.49 3.21 9.81
CA THR A 93 13.46 3.70 10.81
C THR A 93 13.15 5.15 11.20
N ALA A 94 12.90 5.99 10.20
CA ALA A 94 12.58 7.40 10.43
C ALA A 94 11.29 7.55 11.23
N ALA A 95 10.38 6.60 11.07
CA ALA A 95 9.07 6.61 11.70
C ALA A 95 9.08 6.01 13.11
N GLY A 96 10.23 5.46 13.50
CA GLY A 96 10.39 4.86 14.82
C GLY A 96 10.15 3.37 14.87
N TYR A 97 10.24 2.72 13.71
CA TYR A 97 10.10 1.27 13.60
C TYR A 97 11.34 0.64 12.96
N PRO A 98 12.50 0.70 13.64
CA PRO A 98 13.77 0.33 13.01
C PRO A 98 13.94 -1.18 12.77
N ASP A 99 13.11 -2.00 13.41
CA ASP A 99 13.23 -3.46 13.33
C ASP A 99 12.30 -4.13 12.31
N PHE A 100 11.53 -3.31 11.60
CA PHE A 100 10.54 -3.80 10.62
C PHE A 100 11.18 -4.59 9.48
N GLN A 101 10.72 -5.82 9.28
CA GLN A 101 11.19 -6.70 8.22
C GLN A 101 10.03 -7.15 7.34
N PRO A 102 9.71 -6.36 6.29
CA PRO A 102 8.59 -6.73 5.42
C PRO A 102 8.88 -7.97 4.57
N ASP A 103 7.84 -8.74 4.29
CA ASP A 103 7.94 -9.91 3.42
C ASP A 103 6.86 -9.87 2.36
N ALA A 104 6.19 -8.72 2.27
CA ALA A 104 5.04 -8.54 1.41
C ALA A 104 4.93 -7.08 0.96
N CYS A 105 4.77 -6.88 -0.34
CA CYS A 105 4.50 -5.55 -0.86
C CYS A 105 3.35 -5.60 -1.85
N LEU A 106 2.27 -4.91 -1.50
CA LEU A 106 1.11 -4.77 -2.36
C LEU A 106 1.26 -3.48 -3.16
N ILE A 107 1.16 -3.60 -4.47
CA ILE A 107 1.27 -2.46 -5.37
C ILE A 107 -0.11 -2.10 -5.90
N ASN A 108 -0.57 -0.91 -5.54
CA ASN A 108 -1.88 -0.41 -5.96
C ASN A 108 -1.74 0.60 -7.09
N ARG A 109 -2.63 0.52 -8.07
CA ARG A 109 -2.70 1.50 -9.14
C ARG A 109 -4.09 2.11 -9.21
N TYR A 110 -4.13 3.44 -9.07
CA TYR A 110 -5.37 4.20 -9.10
C TYR A 110 -5.51 4.96 -10.42
N ALA A 111 -6.55 4.61 -11.18
CA ALA A 111 -6.98 5.40 -12.32
C ALA A 111 -7.94 6.46 -11.82
N PRO A 112 -8.24 7.50 -12.62
CA PRO A 112 -9.26 8.46 -12.21
C PRO A 112 -10.54 7.76 -11.75
N GLY A 113 -11.02 8.14 -10.56
CA GLY A 113 -12.25 7.57 -10.02
C GLY A 113 -12.03 6.39 -9.08
N ALA A 114 -10.87 5.74 -9.18
CA ALA A 114 -10.55 4.61 -8.32
C ALA A 114 -10.45 5.02 -6.86
N LYS A 115 -10.94 4.14 -6.00
CA LYS A 115 -11.05 4.40 -4.57
C LYS A 115 -10.71 3.14 -3.77
N LEU A 116 -10.50 3.32 -2.48
CA LEU A 116 -10.44 2.19 -1.56
C LEU A 116 -11.25 2.56 -0.34
N CYS A 117 -12.42 1.95 -0.21
CA CYS A 117 -13.33 2.20 0.90
C CYS A 117 -12.72 1.86 2.25
N LEU A 118 -13.15 2.57 3.29
CA LEU A 118 -12.63 2.44 4.64
C LEU A 118 -12.53 0.98 5.06
N HIS A 119 -11.34 0.58 5.51
CA HIS A 119 -11.06 -0.80 5.88
C HIS A 119 -9.92 -0.84 6.88
N GLN A 120 -9.73 -2.01 7.49
CA GLN A 120 -8.61 -2.28 8.37
C GLN A 120 -7.64 -3.23 7.67
N ASP A 121 -6.34 -3.07 7.95
CA ASP A 121 -5.36 -4.07 7.57
C ASP A 121 -5.24 -5.07 8.72
N LYS A 122 -5.85 -6.24 8.54
CA LYS A 122 -5.95 -7.22 9.63
C LYS A 122 -5.70 -8.68 9.22
N ASP A 123 -5.28 -8.90 7.98
CA ASP A 123 -5.03 -10.26 7.48
C ASP A 123 -3.63 -10.78 7.85
N GLU A 124 -2.92 -10.01 8.67
CA GLU A 124 -1.56 -10.35 9.08
C GLU A 124 -1.56 -10.83 10.54
N PRO A 125 -0.90 -11.97 10.82
CA PRO A 125 -0.90 -12.57 12.16
C PRO A 125 -0.07 -11.83 13.22
N ASP A 126 1.04 -11.21 12.81
CA ASP A 126 1.90 -10.47 13.75
C ASP A 126 1.55 -8.99 13.71
N LEU A 127 0.68 -8.58 14.63
CA LEU A 127 0.19 -7.20 14.70
C LEU A 127 1.21 -6.20 15.26
N ARG A 128 2.34 -6.71 15.75
CA ARG A 128 3.43 -5.86 16.24
C ARG A 128 4.14 -5.13 15.09
N ALA A 129 4.02 -5.69 13.89
CA ALA A 129 4.66 -5.14 12.69
C ALA A 129 3.81 -4.02 12.07
N PRO A 130 4.45 -2.87 11.76
CA PRO A 130 3.76 -1.72 11.19
C PRO A 130 3.38 -1.88 9.72
N ILE A 131 2.67 -0.88 9.20
CA ILE A 131 2.38 -0.74 7.78
C ILE A 131 3.19 0.46 7.28
N VAL A 132 3.92 0.27 6.18
CA VAL A 132 4.61 1.37 5.50
C VAL A 132 3.97 1.57 4.13
N SER A 133 3.46 2.77 3.89
CA SER A 133 2.63 3.06 2.73
C SER A 133 3.20 4.22 1.91
N VAL A 134 3.64 3.93 0.69
CA VAL A 134 4.36 4.91 -0.15
C VAL A 134 3.50 5.41 -1.32
N SER A 135 3.35 6.74 -1.41
CA SER A 135 2.52 7.36 -2.46
C SER A 135 3.39 7.80 -3.65
N LEU A 136 2.90 7.54 -4.85
CA LEU A 136 3.58 7.95 -6.08
C LEU A 136 2.59 8.47 -7.13
N GLY A 137 2.97 9.53 -7.82
CA GLY A 137 2.14 10.09 -8.88
C GLY A 137 1.09 11.07 -8.42
N LEU A 138 -0.11 10.94 -9.00
CA LEU A 138 -1.21 11.88 -8.73
C LEU A 138 -1.59 11.91 -7.25
N PRO A 139 -1.99 13.09 -6.75
CA PRO A 139 -2.37 13.20 -5.34
C PRO A 139 -3.71 12.55 -5.03
N ALA A 140 -3.87 12.09 -3.78
CA ALA A 140 -5.12 11.48 -3.33
C ALA A 140 -5.45 11.86 -1.89
N ILE A 141 -6.74 11.85 -1.57
CA ILE A 141 -7.19 12.11 -0.20
C ILE A 141 -7.24 10.81 0.60
N PHE A 142 -6.39 10.73 1.61
CA PHE A 142 -6.28 9.57 2.49
C PHE A 142 -7.11 9.81 3.73
N GLN A 143 -7.95 8.83 4.06
CA GLN A 143 -8.75 8.87 5.26
C GLN A 143 -8.08 8.04 6.34
N PHE A 144 -7.96 8.59 7.54
CA PHE A 144 -7.37 7.87 8.66
C PHE A 144 -8.22 8.07 9.91
N GLY A 145 -8.79 6.97 10.40
CA GLY A 145 -9.76 7.02 11.49
C GLY A 145 -9.27 6.43 12.79
N GLY A 146 -10.10 5.55 13.38
CA GLY A 146 -9.77 4.88 14.64
C GLY A 146 -10.06 3.40 14.59
N LEU A 147 -10.21 2.79 15.76
CA LEU A 147 -10.50 1.35 15.87
C LEU A 147 -11.91 0.98 15.42
N LYS A 148 -12.82 1.93 15.50
CA LYS A 148 -14.20 1.72 15.06
C LYS A 148 -14.46 2.45 13.75
N ARG A 149 -15.35 1.89 12.94
CA ARG A 149 -15.65 2.44 11.61
C ARG A 149 -16.20 3.86 11.69
N ASN A 150 -16.97 4.15 12.72
CA ASN A 150 -17.60 5.47 12.89
C ASN A 150 -16.74 6.50 13.63
N ASP A 151 -15.54 6.09 14.05
CA ASP A 151 -14.59 7.03 14.66
C ASP A 151 -14.28 8.16 13.68
N PRO A 152 -14.20 9.41 14.20
CA PRO A 152 -13.92 10.58 13.35
C PRO A 152 -12.72 10.40 12.44
N LEU A 153 -12.86 10.81 11.19
CA LEU A 153 -11.81 10.65 10.19
C LEU A 153 -10.95 11.89 10.03
N LYS A 154 -9.64 11.68 9.95
CA LYS A 154 -8.73 12.71 9.47
C LYS A 154 -8.64 12.53 7.95
N ARG A 155 -8.63 13.63 7.22
CA ARG A 155 -8.43 13.60 5.77
C ARG A 155 -7.13 14.29 5.42
N LEU A 156 -6.23 13.56 4.77
CA LEU A 156 -4.91 14.07 4.45
C LEU A 156 -4.61 13.87 2.96
N LEU A 157 -4.26 14.96 2.29
CA LEU A 157 -3.78 14.85 0.92
C LEU A 157 -2.42 14.17 0.93
N LEU A 158 -2.30 13.11 0.14
CA LEU A 158 -1.04 12.41 -0.03
C LEU A 158 -0.49 12.73 -1.41
N GLU A 159 0.71 13.29 -1.43
CA GLU A 159 1.34 13.71 -2.67
C GLU A 159 2.51 12.80 -3.03
N HIS A 160 2.97 12.92 -4.27
CA HIS A 160 4.08 12.13 -4.81
C HIS A 160 5.29 12.10 -3.85
N GLY A 161 5.64 10.90 -3.39
CA GLY A 161 6.79 10.73 -2.51
C GLY A 161 6.47 10.65 -1.02
N ASP A 162 5.24 11.01 -0.64
CA ASP A 162 4.80 10.92 0.74
C ASP A 162 4.78 9.48 1.23
N VAL A 163 5.23 9.27 2.46
CA VAL A 163 5.19 7.95 3.09
C VAL A 163 4.41 8.05 4.39
N VAL A 164 3.46 7.14 4.57
CA VAL A 164 2.68 7.06 5.80
C VAL A 164 3.00 5.75 6.48
N VAL A 165 3.25 5.81 7.78
CA VAL A 165 3.55 4.63 8.58
C VAL A 165 2.61 4.59 9.78
N TRP A 166 1.95 3.44 9.97
CA TRP A 166 1.17 3.22 11.19
C TRP A 166 1.43 1.86 11.82
N GLY A 167 1.27 1.80 13.14
CA GLY A 167 1.54 0.60 13.91
C GLY A 167 1.26 0.83 15.38
N GLY A 168 1.56 -0.18 16.20
CA GLY A 168 1.29 -0.11 17.63
C GLY A 168 -0.18 0.17 17.92
N GLU A 169 -0.43 1.27 18.63
CA GLU A 169 -1.79 1.68 18.99
C GLU A 169 -2.71 1.93 17.79
N SER A 170 -2.13 2.39 16.67
CA SER A 170 -2.90 2.74 15.47
C SER A 170 -2.87 1.67 14.38
N ARG A 171 -2.29 0.52 14.70
CA ARG A 171 -2.10 -0.56 13.74
C ARG A 171 -3.38 -1.05 13.05
N LEU A 172 -4.47 -1.15 13.80
CA LEU A 172 -5.74 -1.66 13.27
C LEU A 172 -6.74 -0.56 12.92
N PHE A 173 -6.27 0.68 12.85
CA PHE A 173 -7.14 1.82 12.53
C PHE A 173 -7.72 1.74 11.12
N TYR A 174 -8.98 2.14 10.99
CA TYR A 174 -9.65 2.24 9.70
C TYR A 174 -9.00 3.34 8.86
N HIS A 175 -8.93 3.09 7.56
CA HIS A 175 -8.30 3.99 6.61
C HIS A 175 -8.78 3.69 5.18
N GLY A 176 -8.60 4.65 4.29
CA GLY A 176 -9.02 4.49 2.90
C GLY A 176 -8.57 5.61 2.00
N ILE A 177 -8.94 5.52 0.73
CA ILE A 177 -8.59 6.50 -0.29
C ILE A 177 -9.86 6.95 -1.02
N GLN A 178 -10.06 8.26 -1.11
CA GLN A 178 -11.24 8.80 -1.79
C GLN A 178 -11.04 8.78 -3.31
N PRO A 179 -12.14 8.70 -4.10
CA PRO A 179 -12.03 8.59 -5.54
C PRO A 179 -10.99 9.54 -6.15
N LEU A 180 -10.05 8.98 -6.90
CA LEU A 180 -8.93 9.74 -7.45
C LEU A 180 -9.40 10.78 -8.47
N LYS A 181 -8.94 12.02 -8.28
CA LYS A 181 -9.19 13.09 -9.23
C LYS A 181 -8.27 12.94 -10.43
N ALA A 182 -8.80 13.20 -11.62
CA ALA A 182 -8.00 13.15 -12.85
C ALA A 182 -6.96 14.26 -12.84
N GLY A 183 -5.82 13.99 -13.45
CA GLY A 183 -4.77 14.98 -13.58
C GLY A 183 -3.53 14.46 -14.30
N PHE A 184 -2.48 15.28 -14.30
CA PHE A 184 -1.22 14.89 -14.91
C PHE A 184 -0.10 14.86 -13.87
N HIS A 185 0.74 13.83 -13.97
CA HIS A 185 2.01 13.79 -13.26
C HIS A 185 3.11 13.38 -14.24
N PRO A 186 4.25 14.10 -14.23
CA PRO A 186 5.30 13.83 -15.23
C PRO A 186 5.92 12.42 -15.16
N LEU A 187 5.83 11.76 -14.01
CA LEU A 187 6.44 10.44 -13.83
C LEU A 187 5.49 9.25 -13.99
N THR A 188 4.20 9.47 -13.72
CA THR A 188 3.19 8.40 -13.82
C THR A 188 2.16 8.68 -14.94
N ILE A 189 2.26 9.88 -15.52
CA ILE A 189 1.34 10.38 -16.55
C ILE A 189 -0.08 10.64 -16.02
N ASP A 190 -0.84 9.59 -15.72
CA ASP A 190 -2.27 9.74 -15.43
C ASP A 190 -2.79 8.88 -14.28
N CYS A 191 -1.89 8.35 -13.46
CA CYS A 191 -2.32 7.50 -12.35
C CYS A 191 -1.60 7.80 -11.04
N ARG A 192 -2.09 7.19 -9.97
CA ARG A 192 -1.39 7.15 -8.70
C ARG A 192 -0.99 5.70 -8.43
N TYR A 193 0.22 5.52 -7.92
CA TYR A 193 0.65 4.23 -7.39
C TYR A 193 0.79 4.32 -5.88
N ASN A 194 0.54 3.20 -5.21
CA ASN A 194 0.84 3.07 -3.80
C ASN A 194 1.54 1.75 -3.53
N LEU A 195 2.59 1.80 -2.71
CA LEU A 195 3.28 0.60 -2.24
C LEU A 195 2.95 0.40 -0.78
N THR A 196 2.38 -0.76 -0.45
CA THR A 196 2.10 -1.07 0.95
C THR A 196 2.93 -2.25 1.42
N PHE A 197 3.84 -1.96 2.34
CA PHE A 197 4.77 -2.96 2.87
C PHE A 197 4.26 -3.52 4.19
N ARG A 198 4.30 -4.84 4.32
CA ARG A 198 3.82 -5.52 5.52
C ARG A 198 4.67 -6.74 5.85
N GLN A 199 4.63 -7.15 7.11
CA GLN A 199 5.07 -8.48 7.49
C GLN A 199 3.81 -9.34 7.58
N ALA A 200 3.64 -10.22 6.62
CA ALA A 200 2.42 -11.03 6.50
C ALA A 200 2.62 -12.46 6.95
N GLY A 201 3.87 -12.89 7.08
CA GLY A 201 4.19 -14.23 7.56
C GLY A 201 4.76 -14.20 8.97
N LYS A 202 5.65 -15.15 9.26
CA LYS A 202 6.35 -15.18 10.54
C LYS A 202 7.86 -15.30 10.32
C2 MA7 B 7 -6.27 -3.96 0.77
C4 MA7 B 7 -8.48 -4.16 1.48
C5 MA7 B 7 -8.11 -4.90 2.60
C6 MA7 B 7 -6.77 -5.17 2.82
C8 MA7 B 7 -10.24 -4.68 2.60
P MA7 B 7 -13.82 -4.32 3.83
OP1 MA7 B 7 -13.27 -5.69 3.91
OP2 MA7 B 7 -13.47 -3.32 4.87
O5' MA7 B 7 -13.50 -3.75 2.37
N9 MA7 B 7 -9.80 -4.07 1.51
N3 MA7 B 7 -7.56 -3.72 0.59
N1 MA7 B 7 -5.84 -4.69 1.89
N6 MA7 B 7 -6.40 -5.86 3.89
N7 MA7 B 7 -9.21 -5.19 3.27
CN MA7 B 7 -4.40 -4.97 2.07
C2' MA7 B 7 -11.79 -4.17 -0.06
C5' MA7 B 7 -13.54 -2.36 2.03
C4' MA7 B 7 -12.60 -2.09 0.83
O4' MA7 B 7 -11.23 -2.24 1.25
C1' MA7 B 7 -10.62 -3.35 0.51
C3' MA7 B 7 -12.81 -3.07 -0.33
O3' MA7 B 7 -12.45 -2.45 -1.56
P 2YR B 9 -18.31 -1.02 -5.31
OP1 2YR B 9 -18.13 -1.15 -6.77
OP2 2YR B 9 -17.76 0.14 -4.59
O5' 2YR B 9 -19.87 -1.06 -4.95
C5' 2YR B 9 -20.70 -2.14 -5.38
C4' 2YR B 9 -22.07 -1.98 -4.77
O4' 2YR B 9 -21.99 -1.87 -3.33
C3' 2YR B 9 -22.81 -0.75 -5.28
O3' 2YR B 9 -24.14 -1.13 -5.60
C2' 2YR B 9 -22.75 0.23 -4.11
C1' 2YR B 9 -22.65 -0.70 -2.89
N1 2YR B 9 -21.88 -0.07 -1.76
C2 2YR B 9 -22.52 0.15 -0.53
O2 2YR B 9 -23.71 -0.19 -0.37
N3 2YR B 9 -21.81 0.73 0.49
C4 2YR B 9 -20.53 1.08 0.31
N4 2YR B 9 -19.91 1.65 1.36
C5 2YR B 9 -19.87 0.87 -0.95
C6 2YR B 9 -20.57 0.30 -1.93
S 2YR B 9 -16.62 3.77 0.22
C8 2YR B 9 -18.36 3.44 0.61
C9 2YR B 9 -18.51 2.11 1.32
MN MN D . -5.14 -0.80 3.88
C1 AKG E . -4.03 -0.88 1.14
O1 AKG E . -3.48 -1.33 0.12
O2 AKG E . -4.44 -1.64 2.05
C2 AKG E . -4.23 0.57 1.29
O5 AKG E . -4.82 0.99 2.28
C3 AKG E . -3.68 1.52 0.24
C4 AKG E . -3.77 2.97 0.70
C5 AKG E . -3.20 3.92 -0.34
O3 AKG E . -3.32 3.66 -1.56
O4 AKG E . -2.64 4.96 0.06
#